data_3QNM
#
_entry.id   3QNM
#
_cell.length_a   42.850
_cell.length_b   51.190
_cell.length_c   123.010
_cell.angle_alpha   90.00
_cell.angle_beta   90.00
_cell.angle_gamma   90.00
#
_symmetry.space_group_name_H-M   'P 21 21 21'
#
loop_
_entity.id
_entity.type
_entity.pdbx_description
1 polymer 'Haloacid dehalogenase-like hydrolase'
2 non-polymer 'MAGNESIUM ION'
3 non-polymer 'CHLORIDE ION'
4 water water
#
_entity_poly.entity_id   1
_entity_poly.type   'polypeptide(L)'
_entity_poly.pdbx_seq_one_letter_code
;(MSE)SLKYKNLFFDLDDTIWAFSRNARDTFEEVYQKYSFDRYFDSFDHYYTLYQRRNTELWLEYGEGKVTKEELNRQRF
FYPLQAVGVEDEALAERFSEDFFAIIPTKSGL(MSE)PHAKEVLEYLAPQYNLYILSNGFRELQSRK(MSE)RSAGVDRY
FKKIILSEDLGVLKPRPEIFHFALSATQSELRESL(MSE)IGDSWEADITGAHGVG(MSE)HQAFYNVTERTVFPFQPTY
HIHSLKEL(MSE)NLLEGHHHHHH
;
_entity_poly.pdbx_strand_id   A
#
# COMPACT_ATOMS: atom_id res chain seq x y z
N LEU A 3 -19.93 3.14 -21.12
CA LEU A 3 -19.57 2.94 -19.72
C LEU A 3 -19.34 4.32 -19.06
N LYS A 4 -19.80 4.49 -17.83
CA LYS A 4 -19.57 5.75 -17.11
C LYS A 4 -18.09 5.97 -16.85
N TYR A 5 -17.36 4.94 -16.44
CA TYR A 5 -15.96 5.15 -16.11
C TYR A 5 -15.08 4.77 -17.28
N LYS A 6 -14.01 5.54 -17.50
CA LYS A 6 -12.97 5.18 -18.46
C LYS A 6 -11.67 4.83 -17.73
N ASN A 7 -11.49 5.31 -16.50
CA ASN A 7 -10.19 5.20 -15.84
C ASN A 7 -10.40 4.64 -14.45
N LEU A 8 -9.71 3.55 -14.14
CA LEU A 8 -9.80 2.96 -12.81
C LEU A 8 -8.45 3.11 -12.11
N PHE A 9 -8.47 3.79 -10.96
CA PHE A 9 -7.25 4.02 -10.21
C PHE A 9 -7.29 3.11 -9.01
N PHE A 10 -6.36 2.17 -8.97
CA PHE A 10 -6.28 1.21 -7.89
C PHE A 10 -5.15 1.56 -6.94
N ASP A 11 -5.42 1.50 -5.65
CA ASP A 11 -4.33 1.38 -4.69
C ASP A 11 -3.61 0.03 -4.90
N LEU A 12 -2.37 -0.09 -4.45
CA LEU A 12 -1.65 -1.37 -4.61
C LEU A 12 -1.76 -2.24 -3.34
N ASP A 13 -1.23 -1.72 -2.25
CA ASP A 13 -1.00 -2.56 -1.07
C ASP A 13 -2.29 -2.84 -0.28
N ASP A 14 -2.63 -4.14 -0.18
CA ASP A 14 -3.87 -4.66 0.41
C ASP A 14 -5.14 -4.34 -0.39
N THR A 15 -4.95 -3.89 -1.63
CA THR A 15 -6.05 -3.77 -2.59
C THR A 15 -5.83 -4.81 -3.71
N ILE A 16 -4.69 -4.72 -4.38
CA ILE A 16 -4.31 -5.69 -5.39
C ILE A 16 -3.26 -6.67 -4.84
N TRP A 17 -2.18 -6.12 -4.28
CA TRP A 17 -1.10 -6.95 -3.74
C TRP A 17 -1.38 -7.28 -2.27
N ALA A 18 -1.12 -8.52 -1.87
CA ALA A 18 -1.36 -8.96 -0.49
C ALA A 18 -0.28 -8.49 0.46
N PHE A 19 -0.24 -7.18 0.69
CA PHE A 19 0.83 -6.63 1.48
C PHE A 19 0.88 -7.18 2.92
N SER A 20 -0.25 -7.17 3.62
CA SER A 20 -0.19 -7.64 5.03
C SER A 20 0.34 -9.06 5.15
N ARG A 21 -0.16 -9.94 4.29
CA ARG A 21 0.30 -11.33 4.27
C ARG A 21 1.77 -11.43 3.85
N ASN A 22 2.13 -10.74 2.77
CA ASN A 22 3.48 -10.84 2.21
C ASN A 22 4.52 -10.23 3.14
N ALA A 23 4.14 -9.12 3.80
CA ALA A 23 5.04 -8.44 4.75
C ALA A 23 5.21 -9.26 6.02
N ARG A 24 4.12 -9.82 6.55
CA ARG A 24 4.29 -10.68 7.73
C ARG A 24 5.25 -11.85 7.45
N ASP A 25 5.06 -12.53 6.33
CA ASP A 25 5.95 -13.61 5.91
C ASP A 25 7.41 -13.14 5.82
N THR A 26 7.62 -11.98 5.23
CA THR A 26 8.98 -11.47 5.05
C THR A 26 9.62 -11.09 6.40
N PHE A 27 8.89 -10.33 7.23
CA PHE A 27 9.44 -9.96 8.54
C PHE A 27 9.78 -11.21 9.33
N GLU A 28 8.92 -12.22 9.27
CA GLU A 28 9.25 -13.44 10.02
C GLU A 28 10.52 -14.14 9.51
N GLU A 29 10.67 -14.22 8.19
CA GLU A 29 11.86 -14.81 7.61
C GLU A 29 13.12 -14.08 8.08
N VAL A 30 13.07 -12.75 8.07
CA VAL A 30 14.25 -11.99 8.46
C VAL A 30 14.47 -12.06 9.97
N TYR A 31 13.39 -12.02 10.75
CA TYR A 31 13.50 -12.27 12.18
C TYR A 31 14.24 -13.60 12.46
N GLN A 32 13.85 -14.67 11.78
CA GLN A 32 14.48 -15.98 12.05
C GLN A 32 15.94 -16.00 11.60
N LYS A 33 16.22 -15.36 10.47
CA LYS A 33 17.58 -15.27 9.93
C LYS A 33 18.54 -14.71 10.95
N TYR A 34 18.11 -13.64 11.63
CA TYR A 34 18.94 -12.96 12.60
C TYR A 34 18.81 -13.49 14.03
N SER A 35 18.19 -14.66 14.18
CA SER A 35 18.04 -15.31 15.47
C SER A 35 17.46 -14.36 16.52
N PHE A 36 16.38 -13.67 16.15
CA PHE A 36 15.79 -12.66 17.02
C PHE A 36 15.10 -13.24 18.27
N ASP A 37 14.93 -14.57 18.34
CA ASP A 37 14.43 -15.18 19.59
C ASP A 37 15.39 -14.91 20.74
N ARG A 38 16.61 -14.49 20.41
CA ARG A 38 17.57 -14.10 21.44
C ARG A 38 17.15 -12.83 22.15
N TYR A 39 16.36 -11.99 21.46
CA TYR A 39 16.04 -10.65 21.95
C TYR A 39 14.56 -10.44 22.28
N PHE A 40 13.70 -11.27 21.70
CA PHE A 40 12.25 -11.13 21.81
C PHE A 40 11.69 -12.46 22.28
N ASP A 41 10.50 -12.45 22.88
CA ASP A 41 9.86 -13.69 23.30
C ASP A 41 9.36 -14.50 22.11
N SER A 42 9.09 -13.84 20.98
CA SER A 42 8.46 -14.49 19.84
C SER A 42 8.44 -13.51 18.68
N PHE A 43 8.18 -14.01 17.48
CA PHE A 43 8.01 -13.09 16.36
C PHE A 43 6.90 -12.07 16.65
N ASP A 44 5.80 -12.53 17.23
CA ASP A 44 4.71 -11.59 17.45
C ASP A 44 5.05 -10.48 18.46
N HIS A 45 5.91 -10.76 19.42
CA HIS A 45 6.37 -9.72 20.34
C HIS A 45 7.06 -8.64 19.51
N TYR A 46 7.99 -9.08 18.66
CA TYR A 46 8.67 -8.18 17.72
C TYR A 46 7.70 -7.42 16.82
N TYR A 47 6.81 -8.16 16.16
CA TYR A 47 6.02 -7.57 15.07
C TYR A 47 4.96 -6.61 15.58
N THR A 48 4.40 -6.88 16.76
CA THR A 48 3.42 -5.96 17.36
C THR A 48 4.09 -4.62 17.69
N LEU A 49 5.31 -4.68 18.23
CA LEU A 49 6.06 -3.44 18.49
C LEU A 49 6.38 -2.72 17.17
N TYR A 50 6.88 -3.46 16.19
CA TYR A 50 7.19 -2.89 14.89
C TYR A 50 5.97 -2.18 14.30
N GLN A 51 4.84 -2.88 14.31
CA GLN A 51 3.67 -2.31 13.67
C GLN A 51 3.15 -1.07 14.36
N ARG A 52 3.26 -1.03 15.68
CA ARG A 52 2.73 0.11 16.43
C ARG A 52 3.46 1.36 16.02
N ARG A 53 4.79 1.31 16.01
CA ARG A 53 5.56 2.50 15.63
C ARG A 53 5.48 2.77 14.12
N ASN A 54 5.46 1.73 13.30
CA ASN A 54 5.42 1.90 11.86
C ASN A 54 4.15 2.66 11.42
N THR A 55 3.04 2.28 12.02
CA THR A 55 1.77 2.99 11.78
C THR A 55 1.86 4.48 12.10
N GLU A 56 2.42 4.82 13.26
CA GLU A 56 2.66 6.21 13.64
C GLU A 56 3.56 6.91 12.62
N LEU A 57 4.61 6.22 12.20
CA LEU A 57 5.60 6.81 11.30
C LEU A 57 5.04 7.14 9.91
N TRP A 58 4.18 6.28 9.36
CA TRP A 58 3.66 6.58 8.02
C TRP A 58 2.77 7.82 8.02
N LEU A 59 2.12 8.10 9.15
CA LEU A 59 1.38 9.35 9.30
C LEU A 59 2.32 10.55 9.37
N GLU A 60 3.41 10.41 10.11
CA GLU A 60 4.38 11.51 10.21
C GLU A 60 4.95 11.81 8.84
N TYR A 61 5.23 10.75 8.09
CA TYR A 61 5.77 10.88 6.74
C TYR A 61 4.78 11.64 5.85
N GLY A 62 3.53 11.22 5.86
CA GLY A 62 2.50 11.90 5.08
C GLY A 62 2.30 13.37 5.46
N GLU A 63 2.73 13.72 6.67
CA GLU A 63 2.61 15.09 7.18
C GLU A 63 3.90 15.88 6.99
N GLY A 64 4.92 15.22 6.46
CA GLY A 64 6.21 15.85 6.25
C GLY A 64 7.01 16.09 7.52
N LYS A 65 6.83 15.22 8.52
CA LYS A 65 7.55 15.34 9.79
C LYS A 65 8.83 14.49 9.87
N VAL A 66 8.89 13.42 9.07
CA VAL A 66 10.14 12.68 8.84
C VAL A 66 10.37 12.47 7.36
N THR A 67 11.64 12.38 6.94
CA THR A 67 11.99 11.99 5.58
C THR A 67 11.78 10.50 5.37
N LYS A 68 11.77 10.08 4.12
CA LYS A 68 11.66 8.66 3.83
C LYS A 68 12.83 7.94 4.51
N GLU A 69 14.02 8.53 4.47
CA GLU A 69 15.20 7.89 5.06
C GLU A 69 15.07 7.74 6.57
N GLU A 70 14.55 8.77 7.23
CA GLU A 70 14.34 8.73 8.67
C GLU A 70 13.20 7.76 9.03
N LEU A 71 12.17 7.72 8.20
CA LEU A 71 11.09 6.74 8.35
C LEU A 71 11.69 5.32 8.42
N ASN A 72 12.53 4.99 7.45
CA ASN A 72 13.09 3.66 7.35
C ASN A 72 14.06 3.38 8.49
N ARG A 73 14.90 4.34 8.80
CA ARG A 73 15.85 4.13 9.89
C ARG A 73 15.10 3.79 11.18
N GLN A 74 14.10 4.59 11.50
CA GLN A 74 13.40 4.43 12.79
C GLN A 74 12.55 3.16 12.82
N ARG A 75 11.92 2.80 11.72
CA ARG A 75 10.95 1.73 11.88
C ARG A 75 11.62 0.37 12.04
N PHE A 76 12.82 0.18 11.49
CA PHE A 76 13.49 -1.10 11.73
C PHE A 76 14.27 -1.12 13.05
N PHE A 77 14.59 0.05 13.59
CA PHE A 77 15.36 0.13 14.82
C PHE A 77 14.45 0.11 16.02
N TYR A 78 13.26 0.70 15.89
CA TYR A 78 12.36 0.83 17.04
C TYR A 78 12.15 -0.45 17.87
N PRO A 79 11.78 -1.57 17.23
CA PRO A 79 11.50 -2.75 18.05
C PRO A 79 12.74 -3.26 18.80
N LEU A 80 13.92 -3.14 18.18
CA LEU A 80 15.15 -3.56 18.85
C LEU A 80 15.44 -2.68 20.08
N GLN A 81 15.35 -1.37 19.91
CA GLN A 81 15.61 -0.51 21.06
C GLN A 81 14.54 -0.67 22.13
N ALA A 82 13.34 -1.06 21.71
CA ALA A 82 12.27 -1.32 22.68
C ALA A 82 12.61 -2.49 23.61
N VAL A 83 13.50 -3.39 23.19
CA VAL A 83 13.87 -4.52 24.06
C VAL A 83 15.31 -4.42 24.55
N GLY A 84 15.85 -3.21 24.52
CA GLY A 84 17.19 -2.96 25.05
C GLY A 84 18.36 -3.26 24.12
N VAL A 85 18.09 -3.61 22.86
CA VAL A 85 19.18 -3.81 21.91
C VAL A 85 19.43 -2.50 21.18
N GLU A 86 20.59 -1.89 21.43
CA GLU A 86 20.89 -0.55 20.90
C GLU A 86 21.76 -0.62 19.66
N ASP A 87 21.66 -1.71 18.92
CA ASP A 87 22.53 -1.98 17.78
C ASP A 87 21.91 -1.47 16.47
N GLU A 88 22.28 -0.25 16.08
CA GLU A 88 21.73 0.39 14.87
C GLU A 88 22.20 -0.30 13.61
N ALA A 89 23.40 -0.85 13.64
CA ALA A 89 23.91 -1.57 12.49
C ALA A 89 23.12 -2.86 12.23
N LEU A 90 22.71 -3.52 13.32
CA LEU A 90 21.90 -4.72 13.18
C LEU A 90 20.56 -4.38 12.54
N ALA A 91 19.97 -3.28 12.99
CA ALA A 91 18.68 -2.84 12.45
C ALA A 91 18.83 -2.52 10.95
N GLU A 92 19.97 -1.92 10.58
CA GLU A 92 20.19 -1.59 9.18
C GLU A 92 20.36 -2.82 8.31
N ARG A 93 21.12 -3.80 8.77
CA ARG A 93 21.25 -5.07 8.04
C ARG A 93 19.91 -5.77 7.88
N PHE A 94 19.11 -5.77 8.94
CA PHE A 94 17.75 -6.30 8.90
C PHE A 94 16.94 -5.65 7.79
N SER A 95 16.95 -4.32 7.74
CA SER A 95 16.13 -3.60 6.78
C SER A 95 16.58 -3.87 5.33
N GLU A 96 17.88 -3.99 5.13
CA GLU A 96 18.41 -4.33 3.81
C GLU A 96 17.83 -5.67 3.37
N ASP A 97 17.80 -6.66 4.27
CA ASP A 97 17.27 -7.95 3.89
C ASP A 97 15.76 -7.91 3.67
N PHE A 98 15.06 -7.11 4.47
CA PHE A 98 13.62 -6.95 4.27
C PHE A 98 13.38 -6.38 2.86
N PHE A 99 14.09 -5.33 2.51
CA PHE A 99 13.84 -4.69 1.24
C PHE A 99 14.24 -5.57 0.06
N ALA A 100 15.21 -6.45 0.26
CA ALA A 100 15.65 -7.35 -0.80
C ALA A 100 14.60 -8.43 -1.08
N ILE A 101 13.86 -8.80 -0.04
CA ILE A 101 12.89 -9.89 -0.09
C ILE A 101 11.45 -9.44 -0.40
N ILE A 102 10.99 -8.39 0.26
CA ILE A 102 9.58 -7.98 0.11
C ILE A 102 9.08 -7.85 -1.35
N PRO A 103 9.92 -7.30 -2.27
CA PRO A 103 9.36 -7.13 -3.61
C PRO A 103 9.33 -8.43 -4.43
N THR A 104 9.91 -9.50 -3.90
CA THR A 104 9.90 -10.79 -4.59
C THR A 104 8.64 -11.57 -4.27
N LYS A 105 7.86 -11.11 -3.29
CA LYS A 105 6.66 -11.86 -2.90
C LYS A 105 5.58 -11.75 -3.96
N SER A 106 4.83 -12.83 -4.18
CA SER A 106 3.84 -12.83 -5.27
C SER A 106 2.37 -12.82 -4.82
N GLY A 107 2.12 -12.87 -3.51
CA GLY A 107 0.75 -12.96 -3.02
C GLY A 107 -0.11 -11.77 -3.44
N LEU A 108 -1.32 -12.06 -3.96
CA LEU A 108 -2.32 -11.05 -4.32
C LEU A 108 -3.54 -11.16 -3.42
N PRO A 110 -7.55 -11.71 -2.96
CA PRO A 110 -8.30 -12.79 -3.63
C PRO A 110 -8.89 -12.34 -4.97
N HIS A 111 -8.67 -13.17 -5.99
CA HIS A 111 -9.22 -13.01 -7.34
C HIS A 111 -8.65 -11.84 -8.13
N ALA A 112 -7.58 -11.24 -7.66
CA ALA A 112 -7.06 -10.03 -8.31
C ALA A 112 -6.74 -10.24 -9.79
N LYS A 113 -6.06 -11.33 -10.12
CA LYS A 113 -5.63 -11.59 -11.48
C LYS A 113 -6.85 -11.71 -12.38
N GLU A 114 -7.82 -12.52 -11.95
CA GLU A 114 -9.04 -12.68 -12.74
C GLU A 114 -9.75 -11.36 -12.98
N VAL A 115 -9.88 -10.57 -11.93
CA VAL A 115 -10.60 -9.31 -12.03
C VAL A 115 -9.87 -8.33 -12.94
N LEU A 116 -8.55 -8.27 -12.80
CA LEU A 116 -7.77 -7.37 -13.65
C LEU A 116 -7.84 -7.80 -15.11
N GLU A 117 -7.74 -9.11 -15.34
CA GLU A 117 -7.79 -9.61 -16.72
C GLU A 117 -9.14 -9.25 -17.35
N TYR A 118 -10.20 -9.28 -16.54
CA TYR A 118 -11.53 -8.94 -17.02
C TYR A 118 -11.72 -7.46 -17.36
N LEU A 119 -11.14 -6.58 -16.53
CA LEU A 119 -11.34 -5.15 -16.68
C LEU A 119 -10.41 -4.52 -17.74
N ALA A 120 -9.20 -5.07 -17.88
CA ALA A 120 -8.16 -4.49 -18.75
C ALA A 120 -8.60 -4.11 -20.19
N PRO A 121 -9.31 -5.00 -20.87
CA PRO A 121 -9.77 -4.68 -22.23
C PRO A 121 -10.79 -3.55 -22.27
N GLN A 122 -11.41 -3.20 -21.13
CA GLN A 122 -12.54 -2.27 -21.16
C GLN A 122 -12.29 -0.93 -20.48
N TYR A 123 -11.22 -0.83 -19.69
CA TYR A 123 -10.90 0.37 -18.90
C TYR A 123 -9.40 0.64 -18.95
N ASN A 124 -9.01 1.91 -18.80
CA ASN A 124 -7.62 2.21 -18.52
C ASN A 124 -7.38 1.90 -17.05
N LEU A 125 -6.38 1.07 -16.75
CA LEU A 125 -6.09 0.69 -15.35
C LEU A 125 -4.82 1.34 -14.87
N TYR A 126 -4.91 2.03 -13.71
CA TYR A 126 -3.76 2.74 -13.18
C TYR A 126 -3.54 2.36 -11.73
N ILE A 127 -2.31 2.49 -11.26
CA ILE A 127 -2.05 2.39 -9.82
C ILE A 127 -1.88 3.79 -9.24
N LEU A 128 -2.47 4.06 -8.07
CA LEU A 128 -2.17 5.31 -7.37
C LEU A 128 -1.75 4.95 -5.94
N SER A 129 -0.48 5.16 -5.62
CA SER A 129 0.11 4.56 -4.40
C SER A 129 1.09 5.50 -3.70
N ASN A 130 1.17 5.41 -2.37
CA ASN A 130 2.19 6.12 -1.57
C ASN A 130 3.50 5.31 -1.42
N GLY A 131 3.51 4.06 -1.87
CA GLY A 131 4.66 3.17 -1.69
C GLY A 131 5.93 3.51 -2.46
N PHE A 132 7.01 2.80 -2.11
CA PHE A 132 8.34 3.15 -2.61
C PHE A 132 8.55 2.82 -4.08
N ARG A 133 9.12 3.75 -4.84
CA ARG A 133 9.38 3.50 -6.23
C ARG A 133 10.25 2.26 -6.44
N GLU A 134 11.21 2.01 -5.55
CA GLU A 134 12.09 0.87 -5.78
C GLU A 134 11.40 -0.45 -5.47
N LEU A 135 10.17 -0.39 -4.96
CA LEU A 135 9.41 -1.60 -4.64
C LEU A 135 8.16 -1.85 -5.48
N GLN A 136 7.41 -0.80 -5.80
CA GLN A 136 6.02 -1.02 -6.25
C GLN A 136 5.95 -1.81 -7.58
N SER A 137 6.69 -1.39 -8.59
CA SER A 137 6.62 -2.13 -9.86
C SER A 137 7.25 -3.52 -9.69
N ARG A 138 8.28 -3.65 -8.87
CA ARG A 138 8.87 -4.97 -8.65
C ARG A 138 7.85 -5.93 -8.01
N LYS A 139 7.12 -5.46 -6.98
CA LYS A 139 6.05 -6.23 -6.37
C LYS A 139 5.03 -6.68 -7.40
N ARG A 141 5.43 -6.94 -10.69
N ARG A 141 5.41 -6.93 -10.73
CA ARG A 141 6.01 -7.89 -11.65
CA ARG A 141 5.97 -7.92 -11.65
C ARG A 141 6.23 -9.29 -11.04
C ARG A 141 5.99 -9.30 -10.98
N SER A 142 6.47 -9.34 -9.74
CA SER A 142 6.61 -10.63 -9.05
C SER A 142 5.28 -11.37 -8.97
N ALA A 143 4.21 -10.60 -8.84
CA ALA A 143 2.87 -11.15 -8.64
C ALA A 143 2.15 -11.33 -9.98
N GLY A 144 2.81 -10.89 -11.05
CA GLY A 144 2.26 -11.07 -12.38
C GLY A 144 1.13 -10.11 -12.75
N VAL A 145 1.04 -8.95 -12.09
CA VAL A 145 -0.07 -8.02 -12.40
C VAL A 145 0.39 -6.69 -13.02
N ASP A 146 1.70 -6.48 -13.12
CA ASP A 146 2.19 -5.23 -13.68
C ASP A 146 1.64 -5.04 -15.10
N ARG A 147 1.48 -6.15 -15.82
CA ARG A 147 1.06 -6.13 -17.22
C ARG A 147 -0.31 -5.52 -17.45
N TYR A 148 -1.13 -5.51 -16.41
CA TYR A 148 -2.49 -4.98 -16.57
C TYR A 148 -2.54 -3.47 -16.48
N PHE A 149 -1.50 -2.84 -15.92
CA PHE A 149 -1.58 -1.41 -15.63
C PHE A 149 -0.83 -0.57 -16.65
N LYS A 150 -1.49 0.47 -17.12
CA LYS A 150 -0.95 1.33 -18.17
C LYS A 150 0.10 2.27 -17.58
N LYS A 151 -0.09 2.66 -16.32
CA LYS A 151 0.83 3.59 -15.69
C LYS A 151 0.74 3.46 -14.16
N ILE A 152 1.84 3.75 -13.49
CA ILE A 152 1.91 3.75 -12.03
C ILE A 152 2.17 5.20 -11.61
N ILE A 153 1.29 5.74 -10.77
CA ILE A 153 1.41 7.09 -10.23
C ILE A 153 1.73 6.97 -8.74
N LEU A 154 2.87 7.53 -8.34
CA LEU A 154 3.35 7.42 -6.97
C LEU A 154 3.41 8.77 -6.29
N SER A 155 3.20 8.78 -4.98
CA SER A 155 3.37 10.00 -4.20
C SER A 155 4.78 10.56 -4.41
N GLU A 156 5.76 9.69 -4.67
CA GLU A 156 7.15 10.12 -4.88
C GLU A 156 7.32 10.94 -6.17
N ASP A 157 6.42 10.74 -7.13
CA ASP A 157 6.40 11.53 -8.34
C ASP A 157 6.18 13.03 -8.11
N LEU A 158 5.49 13.36 -7.02
CA LEU A 158 4.97 14.71 -6.77
C LEU A 158 5.47 15.27 -5.45
N GLY A 159 5.77 14.39 -4.50
CA GLY A 159 6.09 14.79 -3.15
C GLY A 159 4.88 15.02 -2.24
N VAL A 160 3.77 14.36 -2.55
CA VAL A 160 2.52 14.49 -1.79
C VAL A 160 1.86 13.11 -1.64
N LEU A 161 1.46 12.74 -0.43
CA LEU A 161 0.84 11.40 -0.25
C LEU A 161 -0.68 11.51 -0.17
N LYS A 162 -1.38 10.47 -0.61
CA LYS A 162 -2.79 10.30 -0.28
C LYS A 162 -2.91 10.40 1.23
N PRO A 163 -3.95 11.04 1.76
CA PRO A 163 -5.15 11.52 1.08
C PRO A 163 -5.11 12.99 0.61
N ARG A 164 -3.95 13.62 0.55
CA ARG A 164 -3.93 15.03 0.15
C ARG A 164 -4.46 15.21 -1.27
N PRO A 165 -5.16 16.31 -1.52
CA PRO A 165 -5.82 16.46 -2.83
C PRO A 165 -4.84 16.55 -4.01
N GLU A 166 -3.65 17.09 -3.78
CA GLU A 166 -2.74 17.31 -4.89
C GLU A 166 -2.44 16.01 -5.66
N ILE A 167 -2.26 14.91 -4.93
N ILE A 167 -2.24 14.90 -4.95
CA ILE A 167 -1.88 13.66 -5.61
CA ILE A 167 -1.87 13.68 -5.65
C ILE A 167 -2.99 13.12 -6.52
C ILE A 167 -3.00 13.18 -6.56
N PHE A 168 -4.26 13.39 -6.17
CA PHE A 168 -5.37 12.98 -7.02
C PHE A 168 -5.50 13.88 -8.26
N HIS A 169 -5.39 15.20 -8.10
CA HIS A 169 -5.42 16.06 -9.28
C HIS A 169 -4.24 15.77 -10.22
N PHE A 170 -3.08 15.44 -9.64
CA PHE A 170 -1.90 15.10 -10.41
C PHE A 170 -2.12 13.80 -11.20
N ALA A 171 -2.71 12.82 -10.52
CA ALA A 171 -2.98 11.53 -11.15
C ALA A 171 -3.90 11.70 -12.35
N LEU A 172 -4.92 12.54 -12.21
CA LEU A 172 -5.84 12.83 -13.32
C LEU A 172 -5.11 13.48 -14.48
N SER A 173 -4.35 14.54 -14.23
CA SER A 173 -3.67 15.19 -15.32
C SER A 173 -2.61 14.29 -15.94
N ALA A 174 -1.85 13.57 -15.11
CA ALA A 174 -0.74 12.74 -15.61
C ALA A 174 -1.24 11.68 -16.60
N THR A 175 -2.49 11.26 -16.44
CA THR A 175 -3.07 10.17 -17.24
C THR A 175 -4.10 10.63 -18.26
N GLN A 176 -4.24 11.95 -18.43
CA GLN A 176 -5.25 12.52 -19.33
C GLN A 176 -6.65 12.06 -18.98
N SER A 177 -6.92 11.91 -17.69
CA SER A 177 -8.20 11.39 -17.20
C SER A 177 -9.14 12.50 -16.75
N GLU A 178 -10.40 12.40 -17.15
CA GLU A 178 -11.43 13.28 -16.66
C GLU A 178 -11.92 12.83 -15.28
N LEU A 179 -12.11 13.78 -14.37
CA LEU A 179 -12.57 13.44 -13.02
C LEU A 179 -13.86 12.61 -13.04
N ARG A 180 -14.84 13.04 -13.82
CA ARG A 180 -16.15 12.39 -13.79
C ARG A 180 -16.14 11.02 -14.46
N GLU A 181 -15.03 10.68 -15.14
CA GLU A 181 -14.89 9.37 -15.79
C GLU A 181 -13.94 8.44 -15.03
N SER A 182 -13.65 8.78 -13.77
CA SER A 182 -12.59 8.09 -13.00
C SER A 182 -13.16 7.52 -11.72
N LEU A 183 -12.60 6.40 -11.28
CA LEU A 183 -12.99 5.74 -10.04
C LEU A 183 -11.73 5.37 -9.25
N ILE A 185 -10.23 2.90 -6.40
CA ILE A 185 -10.54 1.65 -5.71
C ILE A 185 -9.43 1.39 -4.69
N GLY A 186 -9.79 1.31 -3.41
CA GLY A 186 -8.77 1.08 -2.39
C GLY A 186 -9.30 0.59 -1.06
N ASP A 187 -8.37 0.05 -0.27
CA ASP A 187 -8.70 -0.52 1.02
C ASP A 187 -8.59 0.47 2.18
N SER A 188 -7.92 1.61 1.95
CA SER A 188 -7.71 2.54 3.06
C SER A 188 -8.80 3.57 3.11
N TRP A 189 -9.64 3.51 4.15
CA TRP A 189 -10.67 4.54 4.34
C TRP A 189 -10.03 5.93 4.41
N GLU A 190 -8.95 6.02 5.17
CA GLU A 190 -8.33 7.31 5.45
C GLU A 190 -7.55 7.86 4.24
N ALA A 191 -6.84 7.01 3.51
CA ALA A 191 -5.98 7.50 2.42
C ALA A 191 -6.66 7.50 1.06
N ASP A 192 -7.30 6.39 0.72
CA ASP A 192 -7.89 6.22 -0.60
C ASP A 192 -9.28 6.84 -0.69
N ILE A 193 -10.15 6.50 0.26
CA ILE A 193 -11.57 6.84 0.09
C ILE A 193 -11.80 8.29 0.50
N THR A 194 -11.27 8.65 1.66
CA THR A 194 -11.35 10.06 2.10
C THR A 194 -10.64 10.99 1.12
N GLY A 195 -9.48 10.55 0.62
CA GLY A 195 -8.74 11.35 -0.35
C GLY A 195 -9.52 11.58 -1.65
N ALA A 196 -10.01 10.50 -2.26
CA ALA A 196 -10.76 10.62 -3.50
C ALA A 196 -12.05 11.43 -3.32
N HIS A 197 -12.78 11.15 -2.25
CA HIS A 197 -14.02 11.88 -1.95
C HIS A 197 -13.73 13.39 -1.84
N GLY A 198 -12.58 13.71 -1.27
CA GLY A 198 -12.15 15.08 -1.05
C GLY A 198 -12.02 15.87 -2.34
N VAL A 199 -11.73 15.18 -3.46
CA VAL A 199 -11.65 15.89 -4.74
C VAL A 199 -12.85 15.68 -5.66
N GLY A 200 -13.86 14.97 -5.16
CA GLY A 200 -15.06 14.74 -5.94
C GLY A 200 -14.92 13.56 -6.89
N HIS A 202 -15.38 9.64 -7.53
CA HIS A 202 -16.07 8.44 -7.00
C HIS A 202 -15.06 7.44 -6.43
N GLN A 203 -15.51 6.68 -5.43
CA GLN A 203 -14.67 5.69 -4.75
C GLN A 203 -15.37 4.38 -4.55
N ALA A 204 -14.64 3.29 -4.75
CA ALA A 204 -15.12 1.98 -4.30
C ALA A 204 -14.25 1.55 -3.11
N PHE A 205 -14.86 1.49 -1.93
CA PHE A 205 -14.16 1.08 -0.72
C PHE A 205 -14.15 -0.44 -0.67
N TYR A 206 -12.94 -1.00 -0.72
CA TYR A 206 -12.69 -2.44 -0.64
C TYR A 206 -12.47 -2.74 0.82
N ASN A 207 -13.50 -3.25 1.49
CA ASN A 207 -13.53 -3.37 2.94
C ASN A 207 -12.92 -4.67 3.41
N VAL A 208 -11.65 -4.59 3.84
CA VAL A 208 -10.96 -5.74 4.40
C VAL A 208 -10.60 -5.55 5.88
N THR A 209 -11.18 -4.51 6.50
CA THR A 209 -10.94 -4.22 7.92
C THR A 209 -12.21 -4.31 8.76
N GLU A 210 -13.28 -4.87 8.20
CA GLU A 210 -14.56 -4.96 8.93
C GLU A 210 -15.02 -3.60 9.45
N ARG A 211 -14.83 -2.56 8.65
CA ARG A 211 -15.34 -1.26 9.02
C ARG A 211 -16.87 -1.26 9.00
N THR A 212 -17.46 -0.64 10.01
CA THR A 212 -18.90 -0.54 10.17
C THR A 212 -19.30 0.93 10.34
N VAL A 213 -18.35 1.75 10.74
CA VAL A 213 -18.61 3.17 10.95
C VAL A 213 -18.10 4.00 9.80
N PHE A 214 -18.97 4.80 9.22
CA PHE A 214 -18.62 5.64 8.08
C PHE A 214 -18.99 7.11 8.31
N PRO A 215 -17.99 8.01 8.23
CA PRO A 215 -18.31 9.44 8.40
C PRO A 215 -19.14 9.92 7.22
N PHE A 216 -18.95 9.28 6.07
CA PHE A 216 -19.74 9.51 4.87
C PHE A 216 -19.80 8.20 4.13
N GLN A 217 -20.73 8.05 3.20
CA GLN A 217 -20.84 6.79 2.46
C GLN A 217 -19.96 6.82 1.20
N PRO A 218 -19.20 5.74 0.97
CA PRO A 218 -18.41 5.68 -0.25
C PRO A 218 -19.38 5.53 -1.45
N THR A 219 -18.93 5.85 -2.66
CA THR A 219 -19.81 5.67 -3.83
C THR A 219 -20.28 4.23 -3.87
N TYR A 220 -19.33 3.32 -3.70
CA TYR A 220 -19.58 1.89 -3.67
C TYR A 220 -18.85 1.23 -2.52
N HIS A 221 -19.46 0.18 -1.98
CA HIS A 221 -18.87 -0.56 -0.85
C HIS A 221 -18.81 -2.04 -1.22
N ILE A 222 -17.60 -2.57 -1.39
CA ILE A 222 -17.43 -3.95 -1.79
C ILE A 222 -16.58 -4.71 -0.78
N HIS A 223 -16.78 -6.03 -0.74
CA HIS A 223 -16.02 -6.88 0.18
C HIS A 223 -15.13 -7.88 -0.55
N SER A 224 -15.25 -7.90 -1.88
CA SER A 224 -14.45 -8.77 -2.73
C SER A 224 -14.14 -8.03 -4.04
N LEU A 225 -12.96 -8.28 -4.60
CA LEU A 225 -12.60 -7.65 -5.87
C LEU A 225 -13.52 -8.21 -6.95
N LYS A 226 -14.04 -9.41 -6.75
CA LYS A 226 -15.00 -9.95 -7.73
C LYS A 226 -16.21 -9.07 -7.97
N GLU A 227 -16.64 -8.33 -6.94
CA GLU A 227 -17.77 -7.42 -7.10
C GLU A 227 -17.51 -6.37 -8.15
N LEU A 228 -16.23 -6.09 -8.42
CA LEU A 228 -15.90 -5.10 -9.44
C LEU A 228 -16.31 -5.54 -10.82
N ASN A 230 -18.92 -7.21 -11.50
CA ASN A 230 -20.37 -6.99 -11.59
C ASN A 230 -20.68 -5.50 -11.72
N LEU A 231 -20.04 -4.71 -10.87
CA LEU A 231 -20.22 -3.26 -10.84
C LEU A 231 -19.87 -2.61 -12.17
N LEU A 232 -18.76 -3.04 -12.75
CA LEU A 232 -18.19 -2.39 -13.95
C LEU A 232 -18.36 -3.23 -15.22
N GLU A 233 -19.26 -4.19 -15.20
CA GLU A 233 -19.47 -5.10 -16.33
C GLU A 233 -19.54 -4.39 -17.69
#